data_5FUB
#
_entry.id   5FUB
#
_cell.length_a   147.070
_cell.length_b   147.070
_cell.length_c   127.390
_cell.angle_alpha   90.00
_cell.angle_beta   90.00
_cell.angle_gamma   120.00
#
_symmetry.space_group_name_H-M   'H 3 2'
#
loop_
_entity.id
_entity.type
_entity.pdbx_description
1 polymer 'PROTEIN ARGININE METHYLTRANSFERASE 2'
2 non-polymer S-ADENOSYL-L-HOMOCYSTEINE
3 non-polymer '2-(N-MORPHOLINO)-ETHANESULFONIC ACID'
4 non-polymer 'CHLORIDE ION'
5 non-polymer 'SODIUM ION'
6 non-polymer 1,2-ETHANEDIOL
7 water water
#
_entity_poly.entity_id   1
_entity_poly.type   'polypeptide(L)'
_entity_poly.pdbx_seq_one_letter_code
;GDAWQDDEYFGNYGTLRLHLEMLSDKPRTETYRQVILSNSAALREKVVLDLGCGTGVISLFCALLAKPAGVYAVEASSMA
EHTEELVKQNGCDGVVTVFQERAENLTLPTKVDVLVSEWMGNCLLFEYMLESVLLARDRWLKKGGMMWPSSACLTIVPCQ
AFSDYRQKVEFWENPYGLNFSYLQSLAQKEFLSKPKFSHHLQPEDCLSTPADVITLDMVTIQVSDLERLKGEFTFTVEKS
GMFHGFTVWFSAHFQCLEEDGPSIELNTGPYSEITHWKQTLFMLDAPVSVEEGDIIAGSIRLQRNPIWRRHLSITFLWNI
NSTEVSTVKTKCFPMWR
;
_entity_poly.pdbx_strand_id   A
#
loop_
_chem_comp.id
_chem_comp.type
_chem_comp.name
_chem_comp.formula
CL non-polymer 'CHLORIDE ION' 'Cl -1'
EDO non-polymer 1,2-ETHANEDIOL 'C2 H6 O2'
MES non-polymer '2-(N-MORPHOLINO)-ETHANESULFONIC ACID' 'C6 H13 N O4 S'
NA non-polymer 'SODIUM ION' 'Na 1'
SAH non-polymer S-ADENOSYL-L-HOMOCYSTEINE 'C14 H20 N6 O5 S'
#
# COMPACT_ATOMS: atom_id res chain seq x y z
N GLY A 1 -15.28 -9.87 -10.89
CA GLY A 1 -16.51 -10.40 -10.33
C GLY A 1 -16.31 -11.35 -9.18
N ASP A 2 -16.51 -12.64 -9.42
CA ASP A 2 -16.32 -13.64 -8.38
C ASP A 2 -14.83 -13.82 -8.06
N ALA A 3 -13.98 -13.88 -9.10
CA ALA A 3 -12.54 -13.94 -8.90
C ALA A 3 -12.00 -12.68 -8.23
N TRP A 4 -12.70 -11.56 -8.36
CA TRP A 4 -12.31 -10.33 -7.69
C TRP A 4 -13.00 -10.14 -6.34
N GLN A 5 -13.91 -11.05 -5.96
CA GLN A 5 -14.64 -10.94 -4.70
C GLN A 5 -15.27 -9.55 -4.55
N ASP A 6 -15.84 -9.05 -5.65
CA ASP A 6 -16.32 -7.67 -5.69
C ASP A 6 -17.50 -7.45 -4.75
N ASP A 7 -18.32 -8.47 -4.55
CA ASP A 7 -19.44 -8.35 -3.61
C ASP A 7 -18.94 -7.99 -2.22
N GLU A 8 -17.92 -8.72 -1.74
CA GLU A 8 -17.38 -8.46 -0.41
C GLU A 8 -16.52 -7.19 -0.39
N TYR A 9 -15.71 -6.98 -1.44
CA TYR A 9 -14.83 -5.82 -1.48
C TYR A 9 -15.62 -4.52 -1.48
N PHE A 10 -16.56 -4.37 -2.43
CA PHE A 10 -17.32 -3.13 -2.49
C PHE A 10 -18.38 -3.07 -1.40
N GLY A 11 -18.86 -4.22 -0.93
CA GLY A 11 -19.73 -4.22 0.24
C GLY A 11 -19.07 -3.63 1.47
N ASN A 12 -17.79 -3.96 1.69
CA ASN A 12 -17.07 -3.38 2.82
C ASN A 12 -16.93 -1.87 2.69
N TYR A 13 -16.73 -1.37 1.48
CA TYR A 13 -16.60 0.07 1.30
C TYR A 13 -17.93 0.80 1.25
N GLY A 14 -19.05 0.09 1.36
CA GLY A 14 -20.35 0.70 1.50
C GLY A 14 -20.73 1.08 2.92
N THR A 15 -19.97 0.61 3.91
CA THR A 15 -20.18 0.98 5.30
C THR A 15 -19.25 2.13 5.68
N LEU A 16 -19.56 2.76 6.81
CA LEU A 16 -18.74 3.87 7.29
C LEU A 16 -17.45 3.41 7.96
N ARG A 17 -17.35 2.13 8.34
CA ARG A 17 -16.21 1.65 9.12
C ARG A 17 -14.89 1.90 8.41
N LEU A 18 -14.79 1.50 7.13
CA LEU A 18 -13.52 1.67 6.42
C LEU A 18 -13.26 3.13 6.10
N HIS A 19 -14.31 3.91 5.84
CA HIS A 19 -14.09 5.32 5.53
C HIS A 19 -13.68 6.10 6.77
N LEU A 20 -14.25 5.74 7.92
CA LEU A 20 -13.79 6.35 9.17
C LEU A 20 -12.32 6.08 9.40
N GLU A 21 -11.85 4.88 9.07
CA GLU A 21 -10.44 4.55 9.22
C GLU A 21 -9.58 5.39 8.28
N MET A 22 -10.01 5.54 7.02
CA MET A 22 -9.23 6.35 6.07
C MET A 22 -9.20 7.81 6.48
N LEU A 23 -10.37 8.36 6.86
CA LEU A 23 -10.44 9.78 7.18
C LEU A 23 -9.80 10.09 8.53
N SER A 24 -9.78 9.13 9.46
CA SER A 24 -9.08 9.30 10.72
C SER A 24 -7.56 9.18 10.56
N ASP A 25 -7.10 8.72 9.42
CA ASP A 25 -5.67 8.64 9.09
C ASP A 25 -5.24 10.03 8.64
N LYS A 26 -4.74 10.83 9.59
CA LYS A 26 -4.38 12.21 9.27
C LYS A 26 -3.20 12.29 8.31
N PRO A 27 -2.09 11.57 8.50
CA PRO A 27 -1.01 11.64 7.50
C PRO A 27 -1.48 11.33 6.09
N ARG A 28 -2.34 10.32 5.95
CA ARG A 28 -2.84 9.95 4.62
C ARG A 28 -3.70 11.07 4.02
N THR A 29 -4.73 11.49 4.76
CA THR A 29 -5.69 12.42 4.20
C THR A 29 -5.10 13.81 4.04
N GLU A 30 -4.30 14.26 5.02
CA GLU A 30 -3.68 15.57 4.90
C GLU A 30 -2.67 15.62 3.75
N THR A 31 -2.01 14.50 3.47
CA THR A 31 -1.10 14.45 2.32
C THR A 31 -1.83 14.80 1.04
N TYR A 32 -2.98 14.17 0.78
CA TYR A 32 -3.76 14.50 -0.41
C TYR A 32 -4.24 15.94 -0.36
N ARG A 33 -4.61 16.42 0.84
CA ARG A 33 -4.96 17.84 0.98
C ARG A 33 -3.79 18.74 0.61
N GLN A 34 -2.58 18.38 1.04
CA GLN A 34 -1.41 19.20 0.75
C GLN A 34 -1.07 19.18 -0.74
N VAL A 35 -1.25 18.03 -1.39
CA VAL A 35 -1.02 17.95 -2.84
C VAL A 35 -1.92 18.94 -3.57
N ILE A 36 -3.19 19.01 -3.18
CA ILE A 36 -4.11 19.93 -3.83
C ILE A 36 -3.69 21.37 -3.55
N LEU A 37 -3.31 21.66 -2.30
CA LEU A 37 -2.90 23.02 -1.94
C LEU A 37 -1.63 23.43 -2.69
N SER A 38 -0.64 22.54 -2.74
CA SER A 38 0.62 22.86 -3.40
C SER A 38 0.48 23.05 -4.90
N ASN A 39 -0.58 22.51 -5.51
CA ASN A 39 -0.82 22.61 -6.94
C ASN A 39 -2.06 23.43 -7.26
N SER A 40 -2.54 24.21 -6.30
CA SER A 40 -3.81 24.92 -6.44
C SER A 40 -3.85 25.77 -7.70
N ALA A 41 -2.86 26.63 -7.90
CA ALA A 41 -2.87 27.50 -9.08
C ALA A 41 -2.77 26.70 -10.37
N ALA A 42 -1.97 25.62 -10.37
CA ALA A 42 -1.79 24.84 -11.59
C ALA A 42 -3.03 24.03 -11.94
N LEU A 43 -3.93 23.79 -10.98
CA LEU A 43 -5.14 23.02 -11.23
C LEU A 43 -6.27 23.83 -11.84
N ARG A 44 -6.11 25.16 -11.98
CA ARG A 44 -7.19 25.97 -12.50
C ARG A 44 -7.55 25.54 -13.92
N GLU A 45 -8.85 25.35 -14.15
CA GLU A 45 -9.42 24.95 -15.45
C GLU A 45 -8.98 23.55 -15.88
N LYS A 46 -8.37 22.77 -15.00
CA LYS A 46 -8.06 21.38 -15.30
C LYS A 46 -9.27 20.50 -15.01
N VAL A 47 -9.35 19.37 -15.71
CA VAL A 47 -10.37 18.36 -15.47
C VAL A 47 -9.72 17.23 -14.66
N VAL A 48 -10.33 16.90 -13.52
CA VAL A 48 -9.74 15.97 -12.56
C VAL A 48 -10.64 14.74 -12.45
N LEU A 49 -10.04 13.55 -12.53
CA LEU A 49 -10.72 12.30 -12.24
C LEU A 49 -10.26 11.80 -10.87
N ASP A 50 -11.21 11.68 -9.94
CA ASP A 50 -10.96 11.11 -8.61
C ASP A 50 -11.47 9.68 -8.63
N LEU A 51 -10.56 8.74 -8.81
CA LEU A 51 -10.92 7.34 -9.07
C LEU A 51 -11.04 6.61 -7.74
N GLY A 52 -12.27 6.22 -7.39
CA GLY A 52 -12.52 5.57 -6.12
C GLY A 52 -12.60 6.61 -5.02
N CYS A 53 -13.56 7.53 -5.14
CA CYS A 53 -13.61 8.72 -4.31
C CYS A 53 -14.16 8.46 -2.91
N GLY A 54 -14.79 7.32 -2.67
CA GLY A 54 -15.33 7.04 -1.36
C GLY A 54 -16.36 8.08 -0.96
N THR A 55 -16.13 8.74 0.18
CA THR A 55 -16.97 9.83 0.63
C THR A 55 -16.84 11.08 -0.24
N GLY A 56 -15.85 11.11 -1.13
CA GLY A 56 -15.64 12.26 -1.99
C GLY A 56 -14.65 13.28 -1.47
N VAL A 57 -13.89 12.94 -0.42
CA VAL A 57 -13.06 13.92 0.27
C VAL A 57 -12.03 14.53 -0.67
N ILE A 58 -11.36 13.71 -1.48
CA ILE A 58 -10.35 14.24 -2.39
C ILE A 58 -10.98 15.15 -3.43
N SER A 59 -12.16 14.77 -3.95
CA SER A 59 -12.87 15.64 -4.87
C SER A 59 -13.22 16.97 -4.22
N LEU A 60 -13.65 16.93 -2.95
CA LEU A 60 -13.98 18.16 -2.24
C LEU A 60 -12.74 19.02 -1.99
N PHE A 61 -11.59 18.39 -1.74
CA PHE A 61 -10.35 19.15 -1.70
C PHE A 61 -10.09 19.88 -3.02
N CYS A 62 -10.33 19.20 -4.14
CA CYS A 62 -10.08 19.80 -5.45
C CYS A 62 -11.02 20.97 -5.72
N ALA A 63 -12.30 20.82 -5.40
CA ALA A 63 -13.28 21.84 -5.72
C ALA A 63 -13.22 23.03 -4.75
N LEU A 64 -12.79 22.79 -3.51
CA LEU A 64 -12.78 23.83 -2.50
C LEU A 64 -11.43 24.51 -2.34
N LEU A 65 -10.33 23.82 -2.61
CA LEU A 65 -9.00 24.39 -2.45
C LEU A 65 -8.37 24.80 -3.78
N ALA A 66 -9.08 24.61 -4.89
CA ALA A 66 -8.60 25.00 -6.21
C ALA A 66 -9.82 25.35 -7.07
N LYS A 67 -9.56 25.69 -8.32
CA LYS A 67 -10.61 26.09 -9.26
C LYS A 67 -10.53 25.25 -10.54
N PRO A 68 -10.77 23.94 -10.45
CA PRO A 68 -10.76 23.11 -11.65
C PRO A 68 -11.99 23.38 -12.50
N ALA A 69 -11.85 23.09 -13.80
CA ALA A 69 -13.00 23.19 -14.70
C ALA A 69 -14.06 22.14 -14.34
N GLY A 70 -13.64 20.99 -13.84
CA GLY A 70 -14.57 19.94 -13.46
C GLY A 70 -13.89 18.81 -12.72
N VAL A 71 -14.62 18.17 -11.82
CA VAL A 71 -14.11 17.03 -11.07
C VAL A 71 -15.08 15.87 -11.26
N TYR A 72 -14.57 14.73 -11.71
CA TYR A 72 -15.36 13.51 -11.87
C TYR A 72 -15.05 12.60 -10.67
N ALA A 73 -16.01 12.45 -9.77
CA ALA A 73 -15.87 11.61 -8.59
C ALA A 73 -16.52 10.26 -8.89
N VAL A 74 -15.70 9.22 -8.97
CA VAL A 74 -16.15 7.89 -9.38
C VAL A 74 -16.05 6.94 -8.20
N GLU A 75 -17.15 6.27 -7.87
CA GLU A 75 -17.18 5.34 -6.74
C GLU A 75 -18.16 4.21 -7.05
N ALA A 76 -17.69 2.96 -6.97
CA ALA A 76 -18.51 1.82 -7.36
C ALA A 76 -19.39 1.29 -6.23
N SER A 77 -19.06 1.59 -4.98
CA SER A 77 -19.84 1.08 -3.86
C SER A 77 -21.09 1.92 -3.63
N SER A 78 -21.95 1.45 -2.73
CA SER A 78 -23.18 2.15 -2.41
C SER A 78 -22.94 3.49 -1.72
N MET A 79 -21.72 3.73 -1.23
CA MET A 79 -21.38 5.03 -0.65
C MET A 79 -21.60 6.17 -1.63
N ALA A 80 -21.54 5.92 -2.94
CA ALA A 80 -21.69 6.97 -3.93
C ALA A 80 -23.00 7.73 -3.76
N GLU A 81 -24.07 7.05 -3.37
CA GLU A 81 -25.35 7.72 -3.18
C GLU A 81 -25.24 8.79 -2.11
N HIS A 82 -24.50 8.52 -1.04
CA HIS A 82 -24.27 9.52 -0.01
C HIS A 82 -23.24 10.56 -0.44
N THR A 83 -22.24 10.16 -1.21
CA THR A 83 -21.26 11.11 -1.72
C THR A 83 -21.93 12.22 -2.53
N GLU A 84 -22.92 11.86 -3.34
CA GLU A 84 -23.65 12.87 -4.11
C GLU A 84 -24.29 13.91 -3.20
N GLU A 85 -24.87 13.47 -2.07
CA GLU A 85 -25.48 14.40 -1.14
C GLU A 85 -24.41 15.22 -0.42
N LEU A 86 -23.29 14.60 -0.06
CA LEU A 86 -22.21 15.32 0.61
C LEU A 86 -21.64 16.41 -0.28
N VAL A 87 -21.47 16.12 -1.57
CA VAL A 87 -21.00 17.12 -2.51
C VAL A 87 -21.94 18.32 -2.54
N LYS A 88 -23.24 18.04 -2.56
CA LYS A 88 -24.23 19.11 -2.63
C LYS A 88 -24.26 19.92 -1.34
N GLN A 89 -24.14 19.25 -0.18
CA GLN A 89 -24.16 19.98 1.09
C GLN A 89 -22.87 20.76 1.34
N ASN A 90 -21.82 20.53 0.55
CA ASN A 90 -20.62 21.34 0.65
C ASN A 90 -20.50 22.34 -0.49
N GLY A 91 -21.59 22.55 -1.24
CA GLY A 91 -21.63 23.58 -2.26
C GLY A 91 -20.73 23.35 -3.45
N CYS A 92 -20.57 22.09 -3.87
CA CYS A 92 -19.67 21.75 -4.96
C CYS A 92 -20.34 21.01 -6.11
N ASP A 93 -21.67 20.91 -6.10
CA ASP A 93 -22.36 20.13 -7.12
C ASP A 93 -22.28 20.75 -8.51
N GLY A 94 -21.84 22.00 -8.63
CA GLY A 94 -21.62 22.57 -9.94
C GLY A 94 -20.29 22.18 -10.58
N VAL A 95 -19.31 21.77 -9.77
CA VAL A 95 -18.00 21.39 -10.26
C VAL A 95 -17.79 19.88 -10.19
N VAL A 96 -18.25 19.24 -9.12
CA VAL A 96 -18.05 17.81 -8.91
C VAL A 96 -19.26 17.04 -9.42
N THR A 97 -19.01 16.05 -10.26
CA THR A 97 -20.03 15.11 -10.73
C THR A 97 -19.70 13.73 -10.18
N VAL A 98 -20.68 13.08 -9.57
CA VAL A 98 -20.50 11.76 -8.98
C VAL A 98 -21.00 10.70 -9.96
N PHE A 99 -20.16 9.69 -10.21
CA PHE A 99 -20.49 8.55 -11.05
C PHE A 99 -20.42 7.28 -10.22
N GLN A 100 -21.57 6.61 -10.04
CA GLN A 100 -21.60 5.34 -9.33
C GLN A 100 -21.31 4.22 -10.34
N GLU A 101 -20.03 4.09 -10.68
CA GLU A 101 -19.59 3.16 -11.71
C GLU A 101 -18.26 2.57 -11.30
N ARG A 102 -17.98 1.37 -11.83
CA ARG A 102 -16.64 0.81 -11.73
C ARG A 102 -15.74 1.45 -12.77
N ALA A 103 -14.46 1.62 -12.41
CA ALA A 103 -13.49 2.14 -13.36
C ALA A 103 -13.45 1.32 -14.65
N GLU A 104 -13.67 0.01 -14.53
CA GLU A 104 -13.58 -0.86 -15.70
C GLU A 104 -14.72 -0.62 -16.68
N ASN A 105 -15.91 -0.27 -16.19
CA ASN A 105 -17.05 0.06 -17.04
C ASN A 105 -17.43 1.51 -16.86
N LEU A 106 -16.53 2.42 -17.19
CA LEU A 106 -16.68 3.83 -16.89
C LEU A 106 -16.93 4.63 -18.17
N THR A 107 -17.91 5.54 -18.10
CA THR A 107 -18.23 6.42 -19.22
C THR A 107 -18.23 7.85 -18.72
N LEU A 108 -17.20 8.62 -19.08
CA LEU A 108 -17.01 9.99 -18.65
C LEU A 108 -17.28 10.96 -19.79
N PRO A 109 -17.70 12.19 -19.47
CA PRO A 109 -18.00 13.16 -20.54
C PRO A 109 -16.78 13.55 -21.37
N THR A 110 -15.64 13.75 -20.72
CA THR A 110 -14.41 14.16 -21.40
C THR A 110 -13.25 13.34 -20.85
N LYS A 111 -12.13 13.38 -21.55
CA LYS A 111 -10.88 12.93 -20.95
C LYS A 111 -10.46 13.91 -19.87
N VAL A 112 -9.41 13.54 -19.13
CA VAL A 112 -9.02 14.31 -17.95
C VAL A 112 -7.54 14.68 -18.04
N ASP A 113 -7.19 15.76 -17.35
CA ASP A 113 -5.81 16.22 -17.23
C ASP A 113 -5.09 15.59 -16.05
N VAL A 114 -5.82 15.20 -15.01
CA VAL A 114 -5.25 14.68 -13.78
C VAL A 114 -6.09 13.50 -13.31
N LEU A 115 -5.44 12.39 -12.97
CA LEU A 115 -6.08 11.24 -12.37
C LEU A 115 -5.51 11.07 -10.98
N VAL A 116 -6.32 11.33 -9.97
CA VAL A 116 -5.92 11.22 -8.58
C VAL A 116 -6.69 10.07 -7.94
N SER A 117 -5.99 9.26 -7.17
CA SER A 117 -6.63 8.10 -6.56
C SER A 117 -5.84 7.69 -5.32
N GLU A 118 -6.54 7.14 -4.36
CA GLU A 118 -5.91 6.53 -3.19
C GLU A 118 -6.15 5.03 -3.35
N TRP A 119 -5.24 4.35 -4.05
CA TRP A 119 -5.39 2.95 -4.40
C TRP A 119 -4.47 2.01 -3.62
N MET A 120 -3.56 2.54 -2.82
CA MET A 120 -2.52 1.71 -2.22
C MET A 120 -3.11 0.78 -1.16
N GLY A 121 -2.79 -0.51 -1.26
CA GLY A 121 -3.09 -1.46 -0.22
C GLY A 121 -1.85 -1.80 0.60
N ASN A 122 -2.03 -2.77 1.50
CA ASN A 122 -0.91 -3.30 2.27
C ASN A 122 0.18 -3.80 1.33
N CYS A 123 1.43 -3.48 1.68
CA CYS A 123 2.56 -3.79 0.80
C CYS A 123 2.31 -3.27 -0.61
N LEU A 124 1.68 -2.10 -0.68
CA LEU A 124 1.39 -1.37 -1.91
C LEU A 124 0.32 -2.04 -2.77
N LEU A 125 0.48 -3.32 -3.09
CA LEU A 125 -0.31 -3.95 -4.14
C LEU A 125 -1.55 -4.68 -3.65
N PHE A 126 -1.70 -4.92 -2.35
CA PHE A 126 -2.77 -5.79 -1.88
C PHE A 126 -4.14 -5.25 -2.30
N GLU A 127 -4.97 -6.13 -2.87
CA GLU A 127 -6.30 -5.93 -3.43
C GLU A 127 -6.27 -5.37 -4.86
N TYR A 128 -5.11 -4.94 -5.35
CA TYR A 128 -4.90 -4.64 -6.78
C TYR A 128 -5.93 -3.66 -7.33
N MET A 129 -6.29 -2.66 -6.52
CA MET A 129 -7.03 -1.53 -7.07
C MET A 129 -6.20 -0.77 -8.09
N LEU A 130 -4.87 -0.90 -8.03
CA LEU A 130 -4.01 -0.31 -9.04
C LEU A 130 -4.40 -0.74 -10.45
N GLU A 131 -4.84 -1.99 -10.63
CA GLU A 131 -5.29 -2.42 -11.95
C GLU A 131 -6.42 -1.53 -12.46
N SER A 132 -7.44 -1.32 -11.62
CA SER A 132 -8.53 -0.42 -11.99
C SER A 132 -8.01 0.97 -12.35
N VAL A 133 -7.02 1.45 -11.59
CA VAL A 133 -6.47 2.78 -11.84
C VAL A 133 -5.79 2.84 -13.21
N LEU A 134 -5.01 1.81 -13.54
CA LEU A 134 -4.31 1.80 -14.83
C LEU A 134 -5.28 1.71 -16.00
N LEU A 135 -6.39 0.97 -15.84
CA LEU A 135 -7.36 0.87 -16.92
C LEU A 135 -8.06 2.20 -17.16
N ALA A 136 -8.38 2.93 -16.08
CA ALA A 136 -8.95 4.26 -16.25
C ALA A 136 -7.93 5.24 -16.82
N ARG A 137 -6.66 5.08 -16.46
CA ARG A 137 -5.62 5.93 -17.05
C ARG A 137 -5.54 5.74 -18.55
N ASP A 138 -5.50 4.49 -19.01
CA ASP A 138 -5.33 4.21 -20.43
C ASP A 138 -6.47 4.80 -21.25
N ARG A 139 -7.68 4.76 -20.71
CA ARG A 139 -8.86 5.24 -21.44
C ARG A 139 -9.04 6.76 -21.31
N TRP A 140 -8.85 7.33 -20.12
CA TRP A 140 -9.34 8.67 -19.85
C TRP A 140 -8.26 9.73 -19.62
N LEU A 141 -7.03 9.34 -19.35
CA LEU A 141 -6.00 10.35 -19.07
C LEU A 141 -5.42 10.87 -20.38
N LYS A 142 -5.46 12.20 -20.55
CA LYS A 142 -4.90 12.82 -21.74
C LYS A 142 -3.39 12.62 -21.77
N LYS A 143 -2.83 12.58 -22.98
CA LYS A 143 -1.38 12.53 -23.12
C LYS A 143 -0.76 13.73 -22.43
N GLY A 144 0.34 13.49 -21.71
CA GLY A 144 0.92 14.51 -20.87
C GLY A 144 0.23 14.73 -19.55
N GLY A 145 -0.90 14.07 -19.31
CA GLY A 145 -1.62 14.22 -18.06
C GLY A 145 -0.84 13.68 -16.88
N MET A 146 -1.34 14.00 -15.69
CA MET A 146 -0.66 13.70 -14.43
C MET A 146 -1.37 12.56 -13.70
N MET A 147 -0.60 11.59 -13.23
CA MET A 147 -1.08 10.58 -12.30
C MET A 147 -0.69 11.00 -10.89
N TRP A 148 -1.64 10.94 -9.97
CA TRP A 148 -1.39 11.21 -8.54
C TRP A 148 -1.90 10.03 -7.70
N PRO A 149 -0.99 9.30 -7.03
CA PRO A 149 0.47 9.46 -7.01
C PRO A 149 1.14 9.19 -8.35
N SER A 150 2.25 9.87 -8.61
CA SER A 150 2.97 9.69 -9.86
C SER A 150 3.98 8.55 -9.80
N SER A 151 4.40 8.15 -8.60
CA SER A 151 5.25 6.98 -8.45
C SER A 151 5.06 6.44 -7.04
N ALA A 152 5.38 5.16 -6.87
CA ALA A 152 5.31 4.53 -5.56
C ALA A 152 6.45 3.52 -5.47
N CYS A 153 6.84 3.21 -4.23
CA CYS A 153 7.91 2.24 -4.06
C CYS A 153 7.65 1.39 -2.82
N LEU A 154 8.14 0.16 -2.88
CA LEU A 154 8.07 -0.79 -1.79
C LEU A 154 9.40 -0.80 -1.05
N THR A 155 9.35 -0.68 0.27
CA THR A 155 10.54 -0.59 1.11
C THR A 155 10.52 -1.68 2.17
N ILE A 156 11.66 -2.32 2.39
CA ILE A 156 11.77 -3.40 3.36
C ILE A 156 13.04 -3.20 4.19
N VAL A 157 13.07 -3.87 5.34
CA VAL A 157 14.24 -3.86 6.22
C VAL A 157 14.29 -5.15 7.02
N PRO A 158 15.46 -5.74 7.24
CA PRO A 158 15.57 -6.83 8.21
C PRO A 158 15.35 -6.28 9.61
N CYS A 159 14.65 -7.05 10.45
CA CYS A 159 14.19 -6.48 11.71
C CYS A 159 14.19 -7.50 12.84
N GLN A 160 14.15 -6.99 14.06
CA GLN A 160 13.87 -7.76 15.26
C GLN A 160 12.38 -7.72 15.56
N ALA A 161 11.87 -8.82 16.11
CA ALA A 161 10.45 -8.95 16.46
C ALA A 161 10.35 -9.87 17.68
N PHE A 162 11.01 -9.47 18.77
CA PHE A 162 11.06 -10.31 19.96
C PHE A 162 9.67 -10.58 20.52
N SER A 163 8.87 -9.52 20.69
CA SER A 163 7.58 -9.69 21.35
C SER A 163 6.70 -10.66 20.58
N ASP A 164 6.70 -10.56 19.24
CA ASP A 164 5.88 -11.45 18.42
C ASP A 164 6.34 -12.89 18.57
N TYR A 165 7.65 -13.14 18.47
CA TYR A 165 8.14 -14.51 18.56
C TYR A 165 7.95 -15.08 19.96
N ARG A 166 8.14 -14.26 21.00
CA ARG A 166 7.97 -14.75 22.36
C ARG A 166 6.50 -15.02 22.68
N GLN A 167 5.62 -14.11 22.27
CA GLN A 167 4.20 -14.25 22.62
C GLN A 167 3.52 -15.38 21.84
N LYS A 168 4.00 -15.68 20.63
CA LYS A 168 3.31 -16.62 19.76
C LYS A 168 4.01 -17.98 19.64
N VAL A 169 5.32 -18.04 19.82
CA VAL A 169 6.05 -19.29 19.60
C VAL A 169 6.72 -19.76 20.88
N GLU A 170 7.59 -18.95 21.45
CA GLU A 170 8.29 -19.36 22.67
C GLU A 170 7.36 -19.46 23.86
N PHE A 171 6.19 -18.80 23.80
CA PHE A 171 5.22 -18.84 24.89
C PHE A 171 4.91 -20.27 25.33
N TRP A 172 4.84 -21.19 24.37
CA TRP A 172 4.36 -22.54 24.63
C TRP A 172 5.33 -23.41 25.41
N GLU A 173 6.59 -22.98 25.59
CA GLU A 173 7.56 -23.85 26.23
C GLU A 173 7.23 -24.07 27.71
N ASN A 174 6.78 -23.03 28.41
CA ASN A 174 6.51 -23.22 29.84
C ASN A 174 5.42 -22.31 30.40
N PRO A 175 4.23 -22.28 29.80
CA PRO A 175 3.14 -21.45 30.35
C PRO A 175 2.70 -21.99 31.71
N TYR A 176 2.83 -21.15 32.75
CA TYR A 176 2.44 -21.53 34.12
C TYR A 176 3.19 -22.77 34.61
N GLY A 177 4.35 -23.05 34.04
CA GLY A 177 5.13 -24.22 34.41
C GLY A 177 4.77 -25.49 33.67
N LEU A 178 3.82 -25.45 32.76
CA LEU A 178 3.43 -26.60 31.98
C LEU A 178 4.30 -26.70 30.73
N ASN A 179 4.60 -27.92 30.32
CA ASN A 179 5.35 -28.13 29.08
C ASN A 179 4.35 -28.29 27.94
N PHE A 180 4.14 -27.20 27.20
CA PHE A 180 3.29 -27.20 26.01
C PHE A 180 4.12 -27.07 24.74
N SER A 181 5.40 -27.47 24.78
CA SER A 181 6.27 -27.30 23.62
C SER A 181 5.84 -28.15 22.44
N TYR A 182 5.02 -29.18 22.68
CA TYR A 182 4.46 -29.97 21.58
C TYR A 182 3.61 -29.13 20.63
N LEU A 183 3.10 -27.98 21.08
CA LEU A 183 2.29 -27.11 20.25
C LEU A 183 3.11 -26.14 19.41
N GLN A 184 4.44 -26.14 19.55
CA GLN A 184 5.25 -25.13 18.86
C GLN A 184 5.22 -25.34 17.35
N SER A 185 5.18 -26.59 16.89
CA SER A 185 5.06 -26.84 15.46
C SER A 185 3.79 -26.22 14.89
N LEU A 186 2.65 -26.46 15.56
CA LEU A 186 1.39 -25.87 15.12
C LEU A 186 1.43 -24.36 15.21
N ALA A 187 2.10 -23.82 16.24
CA ALA A 187 2.20 -22.37 16.38
C ALA A 187 3.00 -21.75 15.23
N GLN A 188 4.07 -22.41 14.81
CA GLN A 188 4.84 -21.88 13.68
C GLN A 188 4.01 -21.80 12.43
N LYS A 189 3.16 -22.80 12.18
CA LYS A 189 2.33 -22.76 10.97
C LYS A 189 1.21 -21.74 11.11
N GLU A 190 0.55 -21.68 12.28
CA GLU A 190 -0.61 -20.81 12.41
C GLU A 190 -0.23 -19.35 12.54
N PHE A 191 0.88 -19.06 13.23
CA PHE A 191 1.22 -17.68 13.57
C PHE A 191 2.33 -17.08 12.72
N LEU A 192 3.19 -17.91 12.12
CA LEU A 192 4.36 -17.40 11.42
C LEU A 192 4.30 -17.59 9.90
N SER A 193 3.36 -18.36 9.38
CA SER A 193 3.30 -18.62 7.95
C SER A 193 2.59 -17.53 7.18
N LYS A 194 1.88 -16.64 7.86
CA LYS A 194 1.11 -15.57 7.26
C LYS A 194 1.71 -14.21 7.62
N PRO A 195 1.51 -13.21 6.77
CA PRO A 195 1.97 -11.86 7.14
C PRO A 195 1.15 -11.33 8.28
N LYS A 196 1.78 -10.50 9.11
CA LYS A 196 1.09 -9.80 10.19
C LYS A 196 0.83 -8.37 9.73
N PHE A 197 -0.42 -8.08 9.43
CA PHE A 197 -0.81 -6.71 9.13
C PHE A 197 -0.80 -5.88 10.40
N SER A 198 -0.73 -4.56 10.23
CA SER A 198 -0.82 -3.62 11.36
C SER A 198 0.30 -3.85 12.37
N HIS A 199 1.50 -4.15 11.86
CA HIS A 199 2.69 -4.23 12.70
C HIS A 199 3.28 -2.84 12.87
N HIS A 200 3.63 -2.50 14.10
CA HIS A 200 4.25 -1.20 14.39
C HIS A 200 5.73 -1.46 14.65
N LEU A 201 6.55 -1.27 13.62
CA LEU A 201 7.98 -1.47 13.74
C LEU A 201 8.62 -0.28 14.47
N GLN A 202 9.41 -0.58 15.53
CA GLN A 202 10.12 0.49 16.22
C GLN A 202 11.48 0.72 15.57
N PRO A 203 11.95 1.97 15.56
CA PRO A 203 13.26 2.25 14.94
C PRO A 203 14.40 1.40 15.49
N GLU A 204 14.43 1.17 16.80
CA GLU A 204 15.51 0.38 17.40
C GLU A 204 15.47 -1.09 16.99
N ASP A 205 14.39 -1.56 16.37
CA ASP A 205 14.32 -2.92 15.90
C ASP A 205 14.76 -3.08 14.45
N CYS A 206 15.13 -1.99 13.77
CA CYS A 206 15.72 -2.11 12.45
C CYS A 206 17.16 -2.59 12.57
N LEU A 207 17.51 -3.62 11.80
CA LEU A 207 18.86 -4.17 11.81
C LEU A 207 19.77 -3.52 10.78
N SER A 208 19.20 -2.74 9.86
CA SER A 208 19.97 -2.05 8.83
C SER A 208 19.16 -0.85 8.39
N THR A 209 19.71 -0.09 7.45
CA THR A 209 18.97 1.00 6.83
C THR A 209 17.97 0.42 5.84
N PRO A 210 16.70 0.82 5.92
CA PRO A 210 15.72 0.30 4.96
C PRO A 210 16.09 0.66 3.54
N ALA A 211 15.69 -0.19 2.60
CA ALA A 211 15.99 0.01 1.19
C ALA A 211 14.73 -0.12 0.36
N ASP A 212 14.62 0.72 -0.67
CA ASP A 212 13.57 0.57 -1.65
C ASP A 212 13.92 -0.58 -2.59
N VAL A 213 12.99 -1.52 -2.75
CA VAL A 213 13.26 -2.71 -3.53
C VAL A 213 12.48 -2.75 -4.84
N ILE A 214 11.30 -2.14 -4.90
CA ILE A 214 10.47 -2.11 -6.10
C ILE A 214 9.96 -0.68 -6.25
N THR A 215 10.03 -0.15 -7.47
CA THR A 215 9.54 1.20 -7.75
C THR A 215 8.62 1.15 -8.95
N LEU A 216 7.45 1.78 -8.83
CA LEU A 216 6.43 1.78 -9.86
C LEU A 216 6.31 3.18 -10.44
N ASP A 217 6.44 3.29 -11.76
CA ASP A 217 6.26 4.54 -12.50
C ASP A 217 4.83 4.56 -13.01
N MET A 218 3.99 5.43 -12.43
CA MET A 218 2.56 5.37 -12.70
C MET A 218 2.17 5.79 -14.11
N VAL A 219 3.08 6.37 -14.87
CA VAL A 219 2.78 6.75 -16.26
C VAL A 219 3.07 5.60 -17.22
N THR A 220 4.13 4.83 -16.96
CA THR A 220 4.60 3.82 -17.89
C THR A 220 4.24 2.39 -17.49
N ILE A 221 3.84 2.15 -16.24
CA ILE A 221 3.55 0.79 -15.81
C ILE A 221 2.28 0.30 -16.49
N GLN A 222 2.27 -0.99 -16.82
CA GLN A 222 1.14 -1.61 -17.51
C GLN A 222 0.54 -2.69 -16.61
N VAL A 223 -0.73 -3.02 -16.88
CA VAL A 223 -1.40 -4.04 -16.08
C VAL A 223 -0.62 -5.35 -16.09
N SER A 224 -0.05 -5.71 -17.24
CA SER A 224 0.72 -6.95 -17.34
C SER A 224 1.96 -6.94 -16.46
N ASP A 225 2.49 -5.76 -16.13
CA ASP A 225 3.64 -5.70 -15.22
C ASP A 225 3.29 -6.11 -13.80
N LEU A 226 2.01 -6.21 -13.46
CA LEU A 226 1.61 -6.44 -12.08
C LEU A 226 1.54 -7.92 -11.71
N GLU A 227 1.60 -8.83 -12.69
CA GLU A 227 1.52 -10.25 -12.39
C GLU A 227 2.67 -10.71 -11.51
N ARG A 228 3.86 -10.16 -11.73
CA ARG A 228 5.04 -10.58 -10.99
C ARG A 228 5.97 -9.37 -10.85
N LEU A 229 6.13 -8.88 -9.63
CA LEU A 229 7.03 -7.78 -9.33
C LEU A 229 8.18 -8.31 -8.49
N LYS A 230 9.40 -7.93 -8.85
CA LYS A 230 10.58 -8.46 -8.17
C LYS A 230 11.59 -7.36 -7.91
N GLY A 231 12.25 -7.45 -6.76
CA GLY A 231 13.34 -6.55 -6.46
C GLY A 231 14.46 -7.23 -5.68
N GLU A 232 15.70 -6.87 -5.99
CA GLU A 232 16.85 -7.37 -5.26
C GLU A 232 17.18 -6.47 -4.08
N PHE A 233 17.86 -7.04 -3.09
CA PHE A 233 18.31 -6.26 -1.94
C PHE A 233 19.58 -6.87 -1.40
N THR A 234 20.36 -6.02 -0.71
CA THR A 234 21.50 -6.47 0.07
C THR A 234 21.63 -5.53 1.27
N PHE A 235 21.62 -6.10 2.46
CA PHE A 235 21.65 -5.32 3.70
C PHE A 235 22.94 -5.62 4.45
N THR A 236 23.64 -4.57 4.86
CA THR A 236 24.71 -4.70 5.83
C THR A 236 24.13 -4.44 7.22
N VAL A 237 24.16 -5.46 8.07
CA VAL A 237 23.64 -5.34 9.43
C VAL A 237 24.45 -4.30 10.19
N GLU A 238 23.77 -3.30 10.75
CA GLU A 238 24.45 -2.17 11.38
C GLU A 238 24.57 -2.29 12.89
N LYS A 239 23.78 -3.16 13.53
CA LYS A 239 23.87 -3.42 14.96
C LYS A 239 23.66 -4.90 15.19
N SER A 240 24.41 -5.47 16.14
CA SER A 240 24.22 -6.87 16.49
C SER A 240 22.82 -7.08 17.09
N GLY A 241 22.18 -8.15 16.69
CA GLY A 241 20.83 -8.41 17.19
C GLY A 241 20.28 -9.71 16.66
N MET A 242 18.95 -9.81 16.67
CA MET A 242 18.24 -11.03 16.29
C MET A 242 17.45 -10.78 15.01
N PHE A 243 17.72 -11.59 13.99
CA PHE A 243 17.05 -11.50 12.69
C PHE A 243 15.78 -12.35 12.77
N HIS A 244 14.66 -11.69 13.08
CA HIS A 244 13.37 -12.37 13.17
C HIS A 244 12.62 -12.40 11.84
N GLY A 245 12.88 -11.45 10.95
CA GLY A 245 12.17 -11.42 9.68
C GLY A 245 12.35 -10.08 8.98
N PHE A 246 11.41 -9.79 8.09
CA PHE A 246 11.40 -8.55 7.31
C PHE A 246 10.13 -7.76 7.60
N THR A 247 10.28 -6.44 7.70
CA THR A 247 9.14 -5.53 7.77
C THR A 247 9.05 -4.77 6.46
N VAL A 248 7.83 -4.62 5.94
CA VAL A 248 7.59 -4.03 4.63
C VAL A 248 6.62 -2.87 4.78
N TRP A 249 6.87 -1.79 4.03
CA TRP A 249 5.94 -0.68 3.91
C TRP A 249 6.12 -0.07 2.52
N PHE A 250 5.47 1.06 2.27
CA PHE A 250 5.55 1.70 0.97
C PHE A 250 5.57 3.22 1.13
N SER A 251 5.95 3.89 0.04
CA SER A 251 5.87 5.33 -0.10
C SER A 251 5.15 5.66 -1.39
N ALA A 252 4.49 6.82 -1.41
CA ALA A 252 3.83 7.32 -2.61
C ALA A 252 4.28 8.76 -2.84
N HIS A 253 4.56 9.10 -4.09
CA HIS A 253 5.11 10.39 -4.45
C HIS A 253 4.16 11.12 -5.39
N PHE A 254 4.06 12.44 -5.21
CA PHE A 254 3.11 13.27 -5.95
C PHE A 254 3.89 14.41 -6.61
N GLN A 255 4.21 14.22 -7.89
CA GLN A 255 4.97 15.22 -8.65
C GLN A 255 4.15 16.49 -8.86
N CYS A 256 4.79 17.64 -8.71
CA CYS A 256 4.09 18.90 -8.95
C CYS A 256 3.72 19.02 -10.43
N LEU A 257 2.59 19.66 -10.70
CA LEU A 257 2.16 19.85 -12.09
C LEU A 257 3.12 20.73 -12.87
N GLU A 258 3.94 21.53 -12.20
CA GLU A 258 4.92 22.39 -12.83
C GLU A 258 6.33 21.96 -12.40
N GLU A 259 7.26 21.96 -13.36
CA GLU A 259 8.61 21.45 -13.12
C GLU A 259 9.26 22.11 -11.92
N ASP A 260 9.07 23.42 -11.76
CA ASP A 260 9.68 24.19 -10.69
C ASP A 260 8.98 24.04 -9.35
N GLY A 261 8.17 23.00 -9.17
CA GLY A 261 7.27 22.94 -8.05
C GLY A 261 7.64 21.95 -6.96
N PRO A 262 6.93 22.04 -5.83
CA PRO A 262 7.21 21.14 -4.70
C PRO A 262 6.62 19.75 -4.95
N SER A 263 7.43 18.72 -4.69
CA SER A 263 7.00 17.34 -4.76
C SER A 263 6.65 16.85 -3.34
N ILE A 264 5.53 16.14 -3.21
CA ILE A 264 4.98 15.75 -1.93
C ILE A 264 4.99 14.24 -1.81
N GLU A 265 5.32 13.74 -0.61
CA GLU A 265 5.51 12.33 -0.37
C GLU A 265 4.63 11.85 0.79
N LEU A 266 4.05 10.66 0.63
CA LEU A 266 3.37 9.96 1.71
C LEU A 266 4.18 8.72 2.05
N ASN A 267 4.70 8.68 3.27
CA ASN A 267 5.56 7.59 3.73
C ASN A 267 4.88 6.85 4.86
N THR A 268 4.78 5.52 4.74
CA THR A 268 4.12 4.70 5.76
C THR A 268 5.13 3.92 6.60
N GLY A 269 6.39 4.35 6.61
CA GLY A 269 7.44 3.63 7.29
C GLY A 269 7.59 4.01 8.74
N PRO A 270 8.56 3.37 9.42
CA PRO A 270 8.69 3.56 10.88
C PRO A 270 9.26 4.92 11.27
N TYR A 271 9.90 5.64 10.35
CA TYR A 271 10.45 6.96 10.65
C TYR A 271 9.46 8.07 10.32
N SER A 272 8.23 7.73 9.99
CA SER A 272 7.19 8.70 9.68
C SER A 272 6.03 8.52 10.65
N GLU A 273 5.14 9.50 10.68
CA GLU A 273 3.95 9.40 11.50
C GLU A 273 3.14 8.16 11.12
N ILE A 274 2.65 7.45 12.14
CA ILE A 274 1.95 6.20 11.90
C ILE A 274 0.70 6.45 11.05
N THR A 275 0.43 5.52 10.14
CA THR A 275 -0.77 5.55 9.30
C THR A 275 -1.62 4.33 9.63
N HIS A 276 -2.82 4.30 9.06
CA HIS A 276 -3.70 3.15 9.27
C HIS A 276 -3.15 1.88 8.64
N TRP A 277 -2.24 2.00 7.67
CA TRP A 277 -1.56 0.82 7.14
C TRP A 277 -0.54 0.28 8.12
N LYS A 278 0.01 1.13 8.99
CA LYS A 278 1.17 0.78 9.81
C LYS A 278 2.26 0.19 8.93
N GLN A 279 2.88 -0.90 9.38
CA GLN A 279 3.81 -1.67 8.56
C GLN A 279 3.36 -3.13 8.58
N THR A 280 3.97 -3.94 7.71
CA THR A 280 3.63 -5.35 7.58
C THR A 280 4.85 -6.20 7.92
N LEU A 281 4.66 -7.20 8.77
CA LEU A 281 5.75 -8.02 9.30
C LEU A 281 5.70 -9.43 8.71
N PHE A 282 6.86 -9.92 8.28
CA PHE A 282 7.02 -11.24 7.70
C PHE A 282 8.04 -11.99 8.54
N MET A 283 7.58 -12.94 9.35
CA MET A 283 8.44 -13.65 10.29
C MET A 283 9.11 -14.84 9.62
N LEU A 284 10.39 -15.02 9.93
CA LEU A 284 11.10 -16.25 9.58
C LEU A 284 10.57 -17.42 10.40
N ASP A 285 10.82 -18.63 9.91
CA ASP A 285 10.47 -19.82 10.68
C ASP A 285 11.24 -19.85 11.99
N ALA A 286 12.54 -19.56 11.94
CA ALA A 286 13.36 -19.56 13.13
C ALA A 286 14.29 -18.34 13.09
N PRO A 287 14.40 -17.60 14.19
CA PRO A 287 15.30 -16.44 14.21
C PRO A 287 16.76 -16.87 14.17
N VAL A 288 17.60 -15.97 13.68
CA VAL A 288 19.04 -16.17 13.67
C VAL A 288 19.72 -14.92 14.21
N SER A 289 20.72 -15.11 15.06
CA SER A 289 21.48 -13.98 15.57
C SER A 289 22.45 -13.47 14.51
N VAL A 290 22.61 -12.14 14.44
CA VAL A 290 23.49 -11.51 13.48
C VAL A 290 24.33 -10.45 14.20
N GLU A 291 25.51 -10.17 13.63
CA GLU A 291 26.41 -9.16 14.16
C GLU A 291 26.61 -8.05 13.14
N GLU A 292 27.09 -6.90 13.62
CA GLU A 292 27.41 -5.79 12.76
C GLU A 292 28.40 -6.23 11.68
N GLY A 293 28.11 -5.88 10.43
CA GLY A 293 28.92 -6.26 9.30
C GLY A 293 28.37 -7.44 8.51
N ASP A 294 27.42 -8.20 9.06
CA ASP A 294 26.82 -9.30 8.33
C ASP A 294 26.03 -8.78 7.14
N ILE A 295 26.04 -9.54 6.05
CA ILE A 295 25.37 -9.17 4.81
C ILE A 295 24.17 -10.09 4.62
N ILE A 296 22.98 -9.49 4.52
CA ILE A 296 21.75 -10.20 4.23
C ILE A 296 21.31 -9.77 2.84
N ALA A 297 21.45 -10.66 1.86
CA ALA A 297 21.18 -10.33 0.47
C ALA A 297 20.23 -11.36 -0.12
N GLY A 298 19.47 -10.92 -1.11
CA GLY A 298 18.48 -11.79 -1.73
C GLY A 298 17.49 -10.97 -2.54
N SER A 299 16.25 -11.44 -2.56
CA SER A 299 15.24 -10.81 -3.39
C SER A 299 13.87 -11.00 -2.78
N ILE A 300 12.93 -10.17 -3.23
CA ILE A 300 11.53 -10.27 -2.83
C ILE A 300 10.69 -10.29 -4.10
N ARG A 301 9.68 -11.15 -4.13
CA ARG A 301 8.83 -11.30 -5.31
C ARG A 301 7.38 -11.20 -4.89
N LEU A 302 6.63 -10.32 -5.55
CA LEU A 302 5.20 -10.17 -5.35
C LEU A 302 4.50 -10.84 -6.54
N GLN A 303 3.95 -12.02 -6.30
CA GLN A 303 3.36 -12.85 -7.35
C GLN A 303 1.85 -12.84 -7.19
N ARG A 304 1.17 -12.25 -8.18
CA ARG A 304 -0.28 -12.14 -8.11
C ARG A 304 -0.92 -13.52 -8.11
N ASN A 305 -1.97 -13.68 -7.31
CA ASN A 305 -2.69 -14.95 -7.30
C ASN A 305 -3.44 -15.10 -8.62
N PRO A 306 -3.25 -16.20 -9.35
CA PRO A 306 -3.88 -16.32 -10.67
C PRO A 306 -5.39 -16.51 -10.62
N ILE A 307 -5.94 -16.90 -9.48
CA ILE A 307 -7.36 -17.22 -9.38
C ILE A 307 -8.09 -16.11 -8.65
N TRP A 308 -7.65 -15.80 -7.44
CA TRP A 308 -8.23 -14.74 -6.62
C TRP A 308 -7.45 -13.47 -6.86
N ARG A 309 -7.99 -12.58 -7.71
CA ARG A 309 -7.23 -11.51 -8.32
C ARG A 309 -6.96 -10.34 -7.38
N ARG A 310 -7.55 -10.31 -6.20
CA ARG A 310 -7.18 -9.29 -5.23
C ARG A 310 -6.08 -9.74 -4.29
N HIS A 311 -5.59 -10.97 -4.44
CA HIS A 311 -4.61 -11.54 -3.55
C HIS A 311 -3.30 -11.81 -4.27
N LEU A 312 -2.26 -12.04 -3.48
CA LEU A 312 -0.93 -12.32 -3.99
C LEU A 312 -0.19 -13.13 -2.94
N SER A 313 0.99 -13.60 -3.33
CA SER A 313 1.94 -14.21 -2.41
C SER A 313 3.23 -13.42 -2.46
N ILE A 314 3.90 -13.29 -1.31
CA ILE A 314 5.17 -12.59 -1.22
C ILE A 314 6.24 -13.60 -0.83
N THR A 315 7.24 -13.74 -1.70
CA THR A 315 8.31 -14.71 -1.50
C THR A 315 9.61 -13.98 -1.23
N PHE A 316 10.22 -14.27 -0.08
CA PHE A 316 11.54 -13.79 0.27
C PHE A 316 12.57 -14.88 -0.02
N LEU A 317 13.68 -14.48 -0.61
CA LEU A 317 14.87 -15.31 -0.75
C LEU A 317 16.02 -14.53 -0.12
N TRP A 318 16.81 -15.20 0.73
CA TRP A 318 17.88 -14.46 1.41
C TRP A 318 19.03 -15.39 1.74
N ASN A 319 20.19 -14.78 1.95
CA ASN A 319 21.44 -15.46 2.24
C ASN A 319 22.25 -14.58 3.17
N ILE A 320 22.89 -15.21 4.16
CA ILE A 320 23.62 -14.47 5.20
C ILE A 320 25.11 -14.78 5.03
N ASN A 321 25.88 -13.74 4.71
CA ASN A 321 27.34 -13.84 4.57
C ASN A 321 27.72 -14.99 3.65
N SER A 322 26.99 -15.14 2.55
CA SER A 322 27.26 -16.27 1.66
C SER A 322 26.72 -15.97 0.28
N THR A 323 27.32 -16.64 -0.71
CA THR A 323 26.92 -16.53 -2.11
C THR A 323 26.43 -17.85 -2.69
N GLU A 324 26.82 -18.99 -2.11
CA GLU A 324 26.42 -20.30 -2.60
C GLU A 324 24.90 -20.43 -2.64
N VAL A 325 24.45 -21.54 -3.21
CA VAL A 325 23.02 -21.78 -3.39
C VAL A 325 22.48 -22.80 -2.38
N SER A 326 23.29 -23.76 -1.94
CA SER A 326 22.88 -24.67 -0.88
C SER A 326 22.66 -23.97 0.46
N THR A 327 23.09 -22.71 0.61
CA THR A 327 22.86 -21.95 1.83
C THR A 327 21.64 -21.05 1.74
N VAL A 328 21.00 -20.97 0.57
CA VAL A 328 19.89 -20.04 0.38
C VAL A 328 18.64 -20.56 1.06
N LYS A 329 17.95 -19.67 1.77
CA LYS A 329 16.65 -19.95 2.37
C LYS A 329 15.56 -19.18 1.64
N THR A 330 14.35 -19.71 1.68
CA THR A 330 13.21 -19.09 1.02
C THR A 330 11.96 -19.32 1.85
N LYS A 331 11.07 -18.33 1.86
CA LYS A 331 9.77 -18.47 2.50
C LYS A 331 8.74 -17.68 1.71
N CYS A 332 7.61 -18.32 1.44
CA CYS A 332 6.52 -17.74 0.65
C CYS A 332 5.34 -17.47 1.58
N PHE A 333 4.88 -16.22 1.62
CA PHE A 333 3.78 -15.80 2.49
C PHE A 333 2.54 -15.50 1.66
N PRO A 334 1.45 -16.24 1.82
CA PRO A 334 0.21 -15.86 1.11
C PRO A 334 -0.38 -14.60 1.75
N MET A 335 -0.75 -13.64 0.90
CA MET A 335 -1.29 -12.37 1.39
C MET A 335 -2.80 -12.51 1.52
N TRP A 336 -3.22 -12.98 2.69
CA TRP A 336 -4.62 -13.00 3.10
C TRP A 336 -4.69 -12.48 4.52
N ARG A 337 -5.80 -11.82 4.85
CA ARG A 337 -6.00 -11.28 6.20
C ARG A 337 -6.37 -12.37 7.19
N SAH B . -10.82 8.35 -2.00
CA SAH B . -11.38 8.02 -0.73
CB SAH B . -11.53 6.55 -0.55
CG SAH B . -10.29 5.66 -0.67
SD SAH B . -10.52 3.91 -0.54
C SAH B . -10.47 8.55 0.37
O SAH B . -9.27 8.84 0.11
OXT SAH B . -10.93 8.71 1.54
C5' SAH B . -10.89 3.20 -2.17
C4' SAH B . -12.20 3.49 -2.75
O4' SAH B . -12.13 3.25 -4.12
C3' SAH B . -13.27 2.61 -2.20
O3' SAH B . -14.41 3.40 -1.88
C2' SAH B . -13.57 1.71 -3.24
O2' SAH B . -14.96 1.35 -3.26
C1' SAH B . -13.23 2.47 -4.47
N9 SAH B . -12.89 1.62 -5.60
C8 SAH B . -12.00 0.61 -5.60
N7 SAH B . -11.97 0.08 -6.82
C5 SAH B . -12.84 0.75 -7.61
C6 SAH B . -13.21 0.63 -8.94
N6 SAH B . -12.63 -0.37 -9.77
N1 SAH B . -14.13 1.49 -9.44
C2 SAH B . -14.68 2.43 -8.66
N3 SAH B . -14.35 2.57 -7.37
C4 SAH B . -13.43 1.75 -6.82
O1 MES C . -12.36 -4.74 2.67
C2 MES C . -11.41 -5.44 3.48
C3 MES C . -10.20 -4.57 3.86
N4 MES C . -9.61 -3.97 2.69
C5 MES C . -10.58 -3.23 1.94
C6 MES C . -11.78 -4.08 1.55
C7 MES C . -8.48 -3.09 3.09
C8 MES C . -7.16 -3.78 2.73
S MES C . -5.79 -2.59 2.74
O1S MES C . -4.46 -3.30 2.58
O2S MES C . -5.61 -1.94 4.09
O3S MES C . -5.98 -1.55 1.65
CL CL D . -10.68 21.47 3.28
NA NA E . -25.18 8.54 -7.36
C1 EDO F . -10.99 -9.00 -0.97
O1 EDO F . -9.97 -8.76 -0.04
C2 EDO F . -12.33 -8.64 -0.33
O2 EDO F . -12.14 -7.51 0.48
C1 EDO G . 5.02 6.72 14.72
O1 EDO G . 5.58 5.67 15.45
C2 EDO G . 3.89 7.33 15.56
O2 EDO G . 3.36 8.41 14.83
C1 EDO H . -18.92 -10.45 -7.05
O1 EDO H . -18.75 -11.25 -5.92
C2 EDO H . -20.30 -10.67 -7.64
O2 EDO H . -20.50 -9.74 -8.66
C1 EDO I . 13.27 4.79 5.14
O1 EDO I . 12.63 5.65 6.04
C2 EDO I . 12.24 4.30 4.13
O2 EDO I . 11.38 5.37 3.84
NA NA J . 12.01 6.08 -0.77
#